data_8J0P
#
_entry.id   8J0P
#
_cell.length_a   88.668
_cell.length_b   64.227
_cell.length_c   105.223
_cell.angle_alpha   90.00
_cell.angle_beta   113.38
_cell.angle_gamma   90.00
#
_symmetry.space_group_name_H-M   'C 1 2 1'
#
loop_
_entity.id
_entity.type
_entity.pdbx_description
1 polymer 'Chitin binding SusD-like protein'
2 water water
#
_entity_poly.entity_id   1
_entity_poly.type   'polypeptide(L)'
_entity_poly.pdbx_seq_one_letter_code
;CSEGLEDIDGNPRNITQEQLEVDFQNVGSLYKPMFENIYQYTPPWSYQLQQNLNADVFSGYMTNPRPFVAGANNTTYNLV
SGWNNFIWSVPYSNVMNNAKTIEEETKDEFPELFAVSQILKVTAMHRVADVFGPIVYTKFGESATTSEYDSQEEAYNAFF
NDLEEAIQILSDNIDSPRFTAFDLAYGGNYTNWIKYANSLRLRLAIRISKVSPAKAKSEGEKSLNHSLGVIETNPDGFFV
NGTLDHPVRTINNSWGDIRMNASMESILVGYEDPRVDSYFNASEVVEGEFKGIRNGLPLLSEYDDELAQKADYITFSLLS
DEVLTPRVQLMTAAEVFFLKAEAALRGWSGAGDTRTNYEQGITTSFQQYGLSGISEYIANNTRTPIDYVDPVTPANNINA
LSTITIEWDEAASNEEKLERIITQKWIALFPEGQEAWSEYRRTGYPKIFPVISNQSGGVVDTDLQIRRIPFVDSELQTNP
DGVADAITKLGGPDNAGTRLWWDVPGGNFLEHHHHHH
;
_entity_poly.pdbx_strand_id   A
#
# COMPACT_ATOMS: atom_id res chain seq x y z
N GLN A 25 -25.69 -20.07 4.59
CA GLN A 25 -24.96 -20.08 5.85
C GLN A 25 -24.99 -18.69 6.51
N ASN A 26 -25.17 -18.66 7.84
CA ASN A 26 -25.05 -17.39 8.57
C ASN A 26 -23.60 -16.90 8.63
N VAL A 27 -22.64 -17.81 8.52
CA VAL A 27 -21.24 -17.41 8.46
C VAL A 27 -20.97 -16.61 7.19
N GLY A 28 -21.63 -16.97 6.08
CA GLY A 28 -21.35 -16.31 4.81
C GLY A 28 -21.57 -14.81 4.84
N SER A 29 -22.59 -14.37 5.58
CA SER A 29 -22.90 -12.93 5.64
C SER A 29 -21.86 -12.13 6.41
N LEU A 30 -20.88 -12.79 7.04
CA LEU A 30 -19.82 -12.06 7.75
C LEU A 30 -18.68 -11.62 6.83
N TYR A 31 -18.65 -12.07 5.56
CA TYR A 31 -17.55 -11.71 4.67
C TYR A 31 -17.70 -10.31 4.09
N LYS A 32 -18.94 -9.85 3.90
CA LYS A 32 -19.12 -8.51 3.36
C LYS A 32 -18.44 -7.42 4.18
N PRO A 33 -18.59 -7.34 5.50
CA PRO A 33 -17.83 -6.31 6.26
C PRO A 33 -16.34 -6.46 6.14
N MET A 34 -15.83 -7.69 5.98
CA MET A 34 -14.39 -7.87 5.81
C MET A 34 -13.94 -7.31 4.46
N PHE A 35 -14.67 -7.67 3.39
CA PHE A 35 -14.39 -7.15 2.06
C PHE A 35 -14.43 -5.63 2.04
N GLU A 36 -15.40 -5.03 2.72
CA GLU A 36 -15.63 -3.62 2.53
C GLU A 36 -14.82 -2.73 3.48
N ASN A 37 -14.10 -3.30 4.45
CA ASN A 37 -13.36 -2.49 5.40
C ASN A 37 -11.86 -2.76 5.46
N ILE A 38 -11.32 -3.59 4.57
CA ILE A 38 -9.87 -3.61 4.41
C ILE A 38 -9.39 -2.23 3.96
N TYR A 39 -9.85 -1.83 2.79
CA TYR A 39 -9.71 -0.50 2.22
C TYR A 39 -11.12 0.10 2.25
N GLN A 40 -11.37 1.03 3.16
CA GLN A 40 -12.74 1.29 3.63
C GLN A 40 -13.57 2.05 2.60
N TYR A 41 -14.71 1.45 2.19
CA TYR A 41 -15.61 2.07 1.22
C TYR A 41 -16.37 3.26 1.80
N THR A 42 -16.98 3.08 2.97
CA THR A 42 -17.88 4.10 3.48
C THR A 42 -17.80 4.11 5.00
N PRO A 43 -17.95 5.29 5.64
CA PRO A 43 -18.15 6.62 5.06
C PRO A 43 -16.83 7.17 4.56
N PRO A 44 -16.86 7.87 3.44
CA PRO A 44 -15.61 8.41 2.88
C PRO A 44 -14.78 9.22 3.87
N TRP A 45 -15.42 9.94 4.80
CA TRP A 45 -14.65 10.67 5.80
C TRP A 45 -13.82 9.71 6.64
N SER A 46 -14.28 8.45 6.78
CA SER A 46 -13.53 7.50 7.59
C SER A 46 -12.37 6.90 6.79
N TYR A 47 -12.58 6.62 5.50
CA TYR A 47 -11.44 6.20 4.69
C TYR A 47 -10.37 7.28 4.68
N GLN A 48 -10.77 8.55 4.64
CA GLN A 48 -9.82 9.65 4.54
C GLN A 48 -8.85 9.63 5.71
N LEU A 49 -9.31 9.22 6.89
CA LEU A 49 -8.44 9.08 8.05
C LEU A 49 -7.77 7.71 8.11
N GLN A 50 -8.42 6.64 7.63
CA GLN A 50 -7.78 5.31 7.66
C GLN A 50 -6.52 5.28 6.81
N GLN A 51 -6.55 5.89 5.62
CA GLN A 51 -5.45 5.76 4.69
C GLN A 51 -5.12 7.05 3.93
N ASN A 52 -6.13 7.83 3.54
CA ASN A 52 -5.88 8.89 2.55
C ASN A 52 -4.90 9.94 3.08
N LEU A 53 -5.06 10.34 4.34
CA LEU A 53 -4.18 11.34 4.93
C LEU A 53 -2.98 10.72 5.67
N ASN A 54 -2.66 9.46 5.39
CA ASN A 54 -1.32 8.97 5.68
C ASN A 54 -0.72 8.34 4.42
N ALA A 55 -0.93 7.05 4.21
CA ALA A 55 -0.25 6.30 3.14
C ALA A 55 -0.45 6.92 1.77
N ASP A 56 -1.68 7.36 1.43
CA ASP A 56 -1.92 7.86 0.07
C ASP A 56 -1.05 9.06 -0.24
N VAL A 57 -0.67 9.83 0.78
CA VAL A 57 0.22 10.98 0.63
C VAL A 57 1.67 10.58 0.90
N PHE A 58 1.90 9.82 1.98
CA PHE A 58 3.25 9.43 2.34
C PHE A 58 3.93 8.61 1.26
N SER A 59 3.15 8.02 0.34
CA SER A 59 3.67 7.19 -0.74
C SER A 59 4.22 8.01 -1.89
N GLY A 60 3.95 9.31 -1.93
CA GLY A 60 4.22 10.09 -3.10
C GLY A 60 3.13 10.08 -4.14
N TYR A 61 1.98 9.46 -3.83
CA TYR A 61 0.93 9.28 -4.84
C TYR A 61 0.07 10.54 -4.96
N MET A 62 -0.42 11.05 -3.84
CA MET A 62 -1.42 12.09 -3.84
C MET A 62 -0.98 13.21 -2.91
N THR A 63 -1.66 14.35 -3.04
CA THR A 63 -1.45 15.47 -2.14
C THR A 63 -2.78 16.17 -1.86
N ASN A 64 -2.98 16.52 -0.59
CA ASN A 64 -4.12 17.30 -0.18
C ASN A 64 -3.87 18.77 -0.49
N PRO A 65 -4.70 19.42 -1.30
CA PRO A 65 -4.47 20.84 -1.60
C PRO A 65 -4.74 21.75 -0.41
N ARG A 66 -5.42 21.28 0.63
CA ARG A 66 -5.75 22.10 1.76
C ARG A 66 -4.76 21.82 2.90
N PRO A 67 -3.99 22.81 3.38
CA PRO A 67 -3.07 22.54 4.51
C PRO A 67 -3.81 22.51 5.83
N PHE A 68 -4.42 21.36 6.13
CA PHE A 68 -5.29 21.21 7.29
C PHE A 68 -4.58 21.66 8.57
N VAL A 69 -5.38 22.27 9.46
CA VAL A 69 -4.91 22.75 10.77
C VAL A 69 -3.75 23.72 10.57
N ALA A 70 -3.98 24.74 9.73
CA ALA A 70 -3.00 25.79 9.45
C ALA A 70 -1.62 25.22 9.11
N GLY A 71 -1.62 24.06 8.44
CA GLY A 71 -0.40 23.42 7.97
C GLY A 71 0.23 22.43 8.93
N ALA A 72 -0.34 22.23 10.10
CA ALA A 72 0.23 21.37 11.14
C ALA A 72 -0.60 20.10 11.22
N ASN A 73 -0.24 19.11 10.40
CA ASN A 73 -1.01 17.87 10.27
C ASN A 73 -0.06 16.75 9.84
N ASN A 74 -0.63 15.58 9.55
CA ASN A 74 0.14 14.38 9.21
C ASN A 74 1.18 14.65 8.15
N THR A 75 0.81 15.39 7.11
CA THR A 75 1.68 15.55 5.94
C THR A 75 2.91 16.41 6.24
N THR A 76 2.84 17.29 7.23
CA THR A 76 4.02 18.03 7.69
C THR A 76 4.63 17.40 8.95
N TYR A 77 4.36 16.11 9.18
CA TYR A 77 4.89 15.34 10.29
C TYR A 77 4.57 15.93 11.66
N ASN A 78 3.54 16.78 11.77
CA ASN A 78 2.94 17.09 13.07
C ASN A 78 1.66 16.26 13.17
N LEU A 79 1.80 15.03 13.64
CA LEU A 79 0.78 14.00 13.50
C LEU A 79 -0.51 14.38 14.24
N VAL A 80 -1.64 14.03 13.63
CA VAL A 80 -2.96 14.26 14.19
C VAL A 80 -3.46 12.91 14.71
N SER A 81 -3.29 12.67 16.01
CA SER A 81 -3.60 11.35 16.55
C SER A 81 -5.08 11.01 16.41
N GLY A 82 -5.97 12.01 16.48
CA GLY A 82 -7.38 11.77 16.19
C GLY A 82 -7.60 11.16 14.83
N TRP A 83 -6.87 11.64 13.81
CA TRP A 83 -6.93 11.03 12.48
C TRP A 83 -6.43 9.60 12.52
N ASN A 84 -5.25 9.38 13.08
CA ASN A 84 -4.54 8.12 12.89
C ASN A 84 -5.14 6.97 13.69
N ASN A 85 -6.02 7.26 14.66
CA ASN A 85 -6.72 6.20 15.39
C ASN A 85 -7.56 5.33 14.47
N PHE A 86 -7.96 5.86 13.31
CA PHE A 86 -8.79 5.11 12.39
C PHE A 86 -7.99 4.11 11.57
N ILE A 87 -6.67 4.28 11.46
CA ILE A 87 -5.83 3.25 10.86
C ILE A 87 -5.97 1.95 11.65
N TRP A 88 -6.17 2.07 12.95
CA TRP A 88 -6.30 0.95 13.87
C TRP A 88 -7.75 0.51 14.02
N SER A 89 -8.66 1.47 14.21
CA SER A 89 -10.02 1.14 14.60
C SER A 89 -10.82 0.49 13.45
N VAL A 90 -10.56 0.87 12.20
CA VAL A 90 -11.29 0.27 11.09
C VAL A 90 -11.02 -1.24 11.03
N PRO A 91 -9.77 -1.71 10.94
CA PRO A 91 -9.55 -3.17 10.88
C PRO A 91 -10.00 -3.92 12.13
N TYR A 92 -9.76 -3.37 13.33
CA TYR A 92 -10.15 -4.10 14.54
C TYR A 92 -11.66 -4.13 14.75
N SER A 93 -12.39 -3.12 14.26
CA SER A 93 -13.83 -3.07 14.47
C SER A 93 -14.60 -3.86 13.43
N ASN A 94 -14.09 -3.95 12.20
CA ASN A 94 -14.86 -4.47 11.08
C ASN A 94 -14.31 -5.73 10.47
N VAL A 95 -13.02 -6.05 10.66
CA VAL A 95 -12.38 -7.22 10.06
C VAL A 95 -11.99 -8.26 11.11
N MET A 96 -11.25 -7.83 12.15
CA MET A 96 -10.70 -8.74 13.15
C MET A 96 -11.80 -9.54 13.85
N ASN A 97 -12.92 -8.89 14.19
CA ASN A 97 -13.99 -9.56 14.94
C ASN A 97 -14.73 -10.57 14.08
N ASN A 98 -14.92 -10.27 12.80
CA ASN A 98 -15.51 -11.24 11.88
C ASN A 98 -14.61 -12.45 11.68
N ALA A 99 -13.30 -12.23 11.56
CA ALA A 99 -12.36 -13.34 11.41
C ALA A 99 -12.41 -14.26 12.62
N LYS A 100 -12.35 -13.67 13.82
CA LYS A 100 -12.48 -14.41 15.07
C LYS A 100 -13.76 -15.24 15.08
N THR A 101 -14.90 -14.61 14.80
CA THR A 101 -16.16 -15.36 14.80
C THR A 101 -16.11 -16.50 13.78
N ILE A 102 -15.68 -16.21 12.55
CA ILE A 102 -15.60 -17.25 11.54
C ILE A 102 -14.70 -18.40 12.02
N GLU A 103 -13.55 -18.05 12.59
CA GLU A 103 -12.67 -19.07 13.12
C GLU A 103 -13.41 -19.96 14.11
N GLU A 104 -14.08 -19.35 15.09
CA GLU A 104 -14.74 -20.10 16.14
C GLU A 104 -15.83 -21.01 15.58
N GLU A 105 -16.51 -20.58 14.52
CA GLU A 105 -17.66 -21.29 14.00
C GLU A 105 -17.31 -22.30 12.91
N THR A 106 -16.17 -22.15 12.23
CA THR A 106 -15.90 -22.95 11.05
C THR A 106 -14.54 -23.61 11.00
N LYS A 107 -13.59 -23.28 11.89
CA LYS A 107 -12.26 -23.85 11.73
C LYS A 107 -12.30 -25.38 11.78
N ASP A 108 -13.18 -25.95 12.60
CA ASP A 108 -13.40 -27.39 12.60
C ASP A 108 -14.49 -27.82 11.64
N GLU A 109 -15.63 -27.11 11.64
CA GLU A 109 -16.83 -27.61 10.98
C GLU A 109 -16.78 -27.36 9.47
N PHE A 110 -16.37 -26.17 9.02
CA PHE A 110 -16.24 -25.86 7.59
C PHE A 110 -14.90 -25.17 7.34
N PRO A 111 -13.81 -25.93 7.30
CA PRO A 111 -12.48 -25.30 7.16
C PRO A 111 -12.35 -24.34 5.98
N GLU A 112 -13.00 -24.62 4.85
CA GLU A 112 -12.83 -23.74 3.69
C GLU A 112 -13.26 -22.31 4.00
N LEU A 113 -14.31 -22.13 4.80
CA LEU A 113 -14.71 -20.79 5.17
C LEU A 113 -13.66 -20.15 6.06
N PHE A 114 -13.10 -20.93 6.97
CA PHE A 114 -12.01 -20.46 7.83
C PHE A 114 -10.84 -19.96 7.00
N ALA A 115 -10.49 -20.71 5.93
CA ALA A 115 -9.31 -20.41 5.13
C ALA A 115 -9.46 -19.07 4.40
N VAL A 116 -10.60 -18.86 3.76
CA VAL A 116 -10.87 -17.59 3.10
C VAL A 116 -10.79 -16.45 4.10
N SER A 117 -11.37 -16.66 5.29
CA SER A 117 -11.40 -15.62 6.31
C SER A 117 -9.98 -15.27 6.78
N GLN A 118 -9.12 -16.26 6.94
CA GLN A 118 -7.75 -15.98 7.38
C GLN A 118 -6.97 -15.20 6.34
N ILE A 119 -7.23 -15.46 5.05
CA ILE A 119 -6.59 -14.73 3.96
C ILE A 119 -7.04 -13.26 3.99
N LEU A 120 -8.35 -13.03 4.20
CA LEU A 120 -8.84 -11.67 4.38
C LEU A 120 -8.25 -11.03 5.62
N LYS A 121 -8.07 -11.84 6.67
CA LYS A 121 -7.50 -11.34 7.92
C LYS A 121 -6.07 -10.84 7.69
N VAL A 122 -5.21 -11.69 7.12
CA VAL A 122 -3.83 -11.26 6.86
C VAL A 122 -3.80 -10.07 5.92
N THR A 123 -4.67 -10.06 4.89
CA THR A 123 -4.77 -8.91 4.02
C THR A 123 -4.97 -7.62 4.82
N ALA A 124 -5.97 -7.61 5.70
CA ALA A 124 -6.22 -6.41 6.50
C ALA A 124 -5.08 -6.13 7.46
N MET A 125 -4.58 -7.18 8.14
CA MET A 125 -3.78 -6.92 9.33
C MET A 125 -2.32 -6.69 9.03
N HIS A 126 -1.81 -7.26 7.94
CA HIS A 126 -0.42 -6.98 7.56
C HIS A 126 -0.23 -5.49 7.27
N ARG A 127 -1.27 -4.84 6.73
CA ARG A 127 -1.26 -3.37 6.59
C ARG A 127 -1.04 -2.70 7.94
N VAL A 128 -1.74 -3.17 8.97
CA VAL A 128 -1.65 -2.53 10.28
C VAL A 128 -0.28 -2.77 10.89
N ALA A 129 0.25 -3.99 10.75
CA ALA A 129 1.63 -4.26 11.16
C ALA A 129 2.62 -3.37 10.42
N ASP A 130 2.32 -3.02 9.17
CA ASP A 130 3.20 -2.19 8.36
C ASP A 130 3.07 -0.70 8.70
N VAL A 131 2.19 -0.34 9.62
CA VAL A 131 2.06 1.02 10.10
C VAL A 131 2.60 1.18 11.51
N PHE A 132 2.24 0.26 12.42
CA PHE A 132 2.57 0.43 13.83
C PHE A 132 3.74 -0.42 14.31
N GLY A 133 4.03 -1.54 13.64
CA GLY A 133 5.05 -2.45 14.11
C GLY A 133 4.38 -3.58 14.86
N PRO A 134 4.51 -3.59 16.19
CA PRO A 134 3.70 -4.50 17.01
C PRO A 134 2.21 -4.24 16.81
N ILE A 135 1.42 -5.33 16.84
CA ILE A 135 -0.03 -5.28 16.70
C ILE A 135 -0.63 -6.41 17.53
N VAL A 136 -1.91 -6.28 17.87
CA VAL A 136 -2.66 -7.36 18.51
C VAL A 136 -3.16 -8.28 17.39
N TYR A 137 -2.74 -9.54 17.43
CA TYR A 137 -3.06 -10.49 16.36
C TYR A 137 -3.27 -11.90 16.91
N THR A 138 -2.20 -12.61 17.31
CA THR A 138 -2.39 -13.98 17.80
C THR A 138 -3.15 -14.02 19.11
N LYS A 139 -3.12 -12.94 19.89
CA LYS A 139 -3.80 -12.91 21.18
C LYS A 139 -5.11 -12.15 21.12
N PHE A 140 -5.59 -11.81 19.92
CA PHE A 140 -6.80 -10.99 19.83
C PHE A 140 -7.98 -11.68 20.52
N GLY A 141 -8.69 -10.91 21.33
CA GLY A 141 -9.90 -11.37 21.97
C GLY A 141 -9.72 -12.34 23.11
N GLU A 142 -8.58 -12.33 23.79
CA GLU A 142 -8.36 -13.22 24.92
C GLU A 142 -8.68 -12.57 26.25
N SER A 143 -9.05 -11.28 26.25
CA SER A 143 -9.38 -10.59 27.48
C SER A 143 -10.14 -9.31 27.12
N ALA A 144 -11.16 -8.99 27.91
CA ALA A 144 -11.92 -7.76 27.72
C ALA A 144 -11.30 -6.57 28.45
N THR A 145 -10.20 -6.77 29.18
CA THR A 145 -9.54 -5.71 29.92
C THR A 145 -8.21 -5.28 29.32
N THR A 146 -7.36 -6.23 28.90
CA THR A 146 -6.05 -5.95 28.34
C THR A 146 -5.88 -6.73 27.05
N SER A 147 -5.30 -6.08 26.03
CA SER A 147 -4.92 -6.74 24.79
C SER A 147 -3.40 -6.75 24.69
N GLU A 148 -2.85 -7.90 24.31
CA GLU A 148 -1.41 -8.11 24.29
C GLU A 148 -0.90 -8.04 22.86
N TYR A 149 0.17 -7.30 22.63
CA TYR A 149 0.71 -7.15 21.29
C TYR A 149 1.69 -8.27 20.97
N ASP A 150 1.57 -8.81 19.76
CA ASP A 150 2.70 -9.49 19.14
C ASP A 150 3.76 -8.45 18.77
N SER A 151 5.01 -8.88 18.73
CA SER A 151 6.01 -8.08 18.04
C SER A 151 5.79 -8.19 16.52
N GLN A 152 6.31 -7.22 15.76
CA GLN A 152 6.09 -7.25 14.32
C GLN A 152 6.58 -8.56 13.71
N GLU A 153 7.70 -9.09 14.21
CA GLU A 153 8.18 -10.37 13.67
C GLU A 153 7.23 -11.49 14.03
N GLU A 154 6.78 -11.55 15.28
CA GLU A 154 5.78 -12.55 15.70
C GLU A 154 4.50 -12.42 14.88
N ALA A 155 4.12 -11.20 14.51
CA ALA A 155 2.94 -11.04 13.67
C ALA A 155 3.23 -11.55 12.27
N TYR A 156 4.44 -11.33 11.75
CA TYR A 156 4.76 -11.83 10.42
C TYR A 156 4.86 -13.36 10.42
N ASN A 157 5.41 -13.95 11.48
CA ASN A 157 5.41 -15.42 11.56
C ASN A 157 3.98 -15.94 11.57
N ALA A 158 3.09 -15.25 12.29
CA ALA A 158 1.68 -15.61 12.28
C ALA A 158 1.10 -15.50 10.87
N PHE A 159 1.38 -14.40 10.17
CA PHE A 159 0.92 -14.24 8.79
C PHE A 159 1.34 -15.44 7.94
N PHE A 160 2.61 -15.82 8.00
CA PHE A 160 3.09 -16.94 7.19
C PHE A 160 2.42 -18.25 7.58
N ASN A 161 2.21 -18.47 8.88
CA ASN A 161 1.50 -19.67 9.32
C ASN A 161 0.07 -19.66 8.82
N ASP A 162 -0.62 -18.53 8.99
CA ASP A 162 -2.04 -18.47 8.63
C ASP A 162 -2.24 -18.72 7.13
N LEU A 163 -1.34 -18.21 6.30
CA LEU A 163 -1.49 -18.37 4.85
C LEU A 163 -1.21 -19.81 4.41
N GLU A 164 -0.12 -20.41 4.91
CA GLU A 164 0.15 -21.81 4.58
C GLU A 164 -1.03 -22.70 5.00
N GLU A 165 -1.56 -22.47 6.21
CA GLU A 165 -2.72 -23.22 6.68
C GLU A 165 -3.92 -23.02 5.75
N ALA A 166 -4.16 -21.76 5.34
CA ALA A 166 -5.29 -21.48 4.46
C ALA A 166 -5.08 -22.07 3.08
N ILE A 167 -3.87 -21.94 2.54
CA ILE A 167 -3.58 -22.51 1.23
C ILE A 167 -3.81 -24.02 1.23
N GLN A 168 -3.39 -24.70 2.31
CA GLN A 168 -3.55 -26.14 2.36
C GLN A 168 -5.02 -26.55 2.42
N ILE A 169 -5.82 -25.85 3.22
CA ILE A 169 -7.24 -26.17 3.32
C ILE A 169 -7.92 -25.99 1.97
N LEU A 170 -7.70 -24.84 1.32
CA LEU A 170 -8.38 -24.60 0.04
C LEU A 170 -7.93 -25.59 -1.02
N SER A 171 -6.67 -26.06 -0.96
CA SER A 171 -6.23 -27.05 -1.93
C SER A 171 -6.98 -28.36 -1.76
N ASP A 172 -7.28 -28.74 -0.51
CA ASP A 172 -8.14 -29.90 -0.27
C ASP A 172 -9.60 -29.65 -0.63
N ASN A 173 -10.03 -28.40 -0.83
CA ASN A 173 -11.42 -28.12 -1.14
C ASN A 173 -11.56 -27.31 -2.42
N ILE A 174 -10.61 -27.44 -3.34
CA ILE A 174 -10.47 -26.49 -4.43
C ILE A 174 -11.69 -26.51 -5.36
N ASP A 175 -12.42 -27.63 -5.42
CA ASP A 175 -13.60 -27.74 -6.25
C ASP A 175 -14.88 -27.22 -5.59
N SER A 176 -14.93 -27.02 -4.28
CA SER A 176 -16.20 -26.67 -3.62
C SER A 176 -16.70 -25.32 -4.12
N PRO A 177 -17.98 -25.20 -4.48
CA PRO A 177 -18.53 -23.89 -4.89
C PRO A 177 -19.25 -23.14 -3.79
N ARG A 178 -19.19 -23.61 -2.53
CA ARG A 178 -20.03 -23.10 -1.46
C ARG A 178 -19.71 -21.65 -1.08
N PHE A 179 -18.55 -21.12 -1.45
CA PHE A 179 -18.26 -19.73 -1.16
C PHE A 179 -18.81 -18.76 -2.21
N THR A 180 -19.33 -19.26 -3.33
CA THR A 180 -19.72 -18.40 -4.45
C THR A 180 -20.64 -17.25 -4.03
N ALA A 181 -21.67 -17.55 -3.22
CA ALA A 181 -22.68 -16.53 -2.91
C ALA A 181 -22.12 -15.35 -2.12
N PHE A 182 -20.92 -15.47 -1.53
CA PHE A 182 -20.37 -14.41 -0.68
C PHE A 182 -19.06 -13.81 -1.18
N ASP A 183 -18.58 -14.23 -2.35
CA ASP A 183 -17.23 -13.88 -2.82
C ASP A 183 -17.28 -12.61 -3.68
N LEU A 184 -16.83 -11.49 -3.12
CA LEU A 184 -16.77 -10.25 -3.87
C LEU A 184 -15.49 -10.13 -4.69
N ALA A 185 -14.55 -11.06 -4.57
CA ALA A 185 -13.31 -10.97 -5.32
C ALA A 185 -13.25 -11.95 -6.48
N TYR A 186 -13.60 -13.23 -6.25
CA TYR A 186 -13.28 -14.28 -7.21
C TYR A 186 -14.46 -15.16 -7.57
N GLY A 187 -15.69 -14.74 -7.24
CA GLY A 187 -16.85 -15.52 -7.64
C GLY A 187 -16.90 -16.95 -7.11
N GLY A 188 -16.22 -17.23 -5.99
CA GLY A 188 -16.23 -18.55 -5.40
C GLY A 188 -15.07 -19.44 -5.78
N ASN A 189 -14.25 -19.03 -6.76
CA ASN A 189 -13.18 -19.84 -7.31
C ASN A 189 -12.00 -19.94 -6.34
N TYR A 190 -11.88 -21.09 -5.67
CA TYR A 190 -10.83 -21.27 -4.67
C TYR A 190 -9.44 -21.26 -5.31
N THR A 191 -9.31 -21.67 -6.57
CA THR A 191 -8.04 -21.55 -7.27
C THR A 191 -7.50 -20.13 -7.17
N ASN A 192 -8.35 -19.15 -7.45
CA ASN A 192 -7.91 -17.77 -7.41
C ASN A 192 -7.47 -17.39 -6.01
N TRP A 193 -8.26 -17.79 -5.01
CA TRP A 193 -7.89 -17.52 -3.62
C TRP A 193 -6.53 -18.11 -3.29
N ILE A 194 -6.21 -19.28 -3.85
CA ILE A 194 -4.94 -19.92 -3.57
C ILE A 194 -3.81 -19.14 -4.22
N LYS A 195 -4.01 -18.72 -5.46
CA LYS A 195 -2.98 -17.97 -6.17
C LYS A 195 -2.73 -16.63 -5.49
N TYR A 196 -3.80 -16.00 -4.99
CA TYR A 196 -3.64 -14.74 -4.29
C TYR A 196 -2.95 -14.96 -2.95
N ALA A 197 -3.29 -16.03 -2.24
CA ALA A 197 -2.60 -16.29 -0.98
C ALA A 197 -1.10 -16.52 -1.20
N ASN A 198 -0.74 -17.26 -2.24
CA ASN A 198 0.66 -17.38 -2.62
C ASN A 198 1.28 -16.00 -2.92
N SER A 199 0.53 -15.15 -3.63
CA SER A 199 1.05 -13.83 -3.99
C SER A 199 1.18 -12.94 -2.75
N LEU A 200 0.25 -13.09 -1.81
CA LEU A 200 0.34 -12.27 -0.59
C LEU A 200 1.49 -12.76 0.28
N ARG A 201 1.71 -14.07 0.34
CA ARG A 201 2.90 -14.58 1.04
C ARG A 201 4.17 -14.10 0.36
N LEU A 202 4.15 -13.99 -0.96
CA LEU A 202 5.35 -13.54 -1.67
C LEU A 202 5.63 -12.06 -1.39
N ARG A 203 4.57 -11.24 -1.24
CA ARG A 203 4.76 -9.83 -0.88
C ARG A 203 5.41 -9.71 0.49
N LEU A 204 4.88 -10.44 1.49
CA LEU A 204 5.41 -10.37 2.85
C LEU A 204 6.83 -10.93 2.93
N ALA A 205 7.12 -11.95 2.13
CA ALA A 205 8.48 -12.47 2.05
C ALA A 205 9.43 -11.40 1.56
N ILE A 206 9.05 -10.73 0.47
CA ILE A 206 9.83 -9.62 -0.01
C ILE A 206 9.95 -8.53 1.07
N ARG A 207 8.90 -8.34 1.87
CA ARG A 207 8.96 -7.30 2.89
C ARG A 207 10.01 -7.59 3.95
N ILE A 208 10.20 -8.87 4.30
CA ILE A 208 11.16 -9.23 5.35
C ILE A 208 12.50 -9.67 4.75
N SER A 209 12.73 -9.40 3.46
CA SER A 209 13.93 -9.92 2.78
C SER A 209 15.21 -9.23 3.20
N LYS A 210 15.15 -8.10 3.94
CA LYS A 210 16.33 -7.45 4.50
C LYS A 210 16.59 -7.85 5.96
N VAL A 211 15.53 -7.99 6.76
CA VAL A 211 15.73 -8.28 8.17
C VAL A 211 15.88 -9.77 8.42
N SER A 212 15.26 -10.63 7.60
CA SER A 212 15.32 -12.08 7.74
C SER A 212 15.51 -12.73 6.37
N PRO A 213 16.73 -12.69 5.83
CA PRO A 213 16.94 -13.22 4.46
C PRO A 213 16.55 -14.68 4.30
N ALA A 214 16.88 -15.54 5.28
CA ALA A 214 16.68 -16.97 5.09
C ALA A 214 15.19 -17.29 5.14
N LYS A 215 14.51 -16.81 6.17
CA LYS A 215 13.07 -16.98 6.25
C LYS A 215 12.39 -16.41 5.00
N ALA A 216 12.80 -15.23 4.56
CA ALA A 216 12.20 -14.62 3.37
C ALA A 216 12.38 -15.52 2.14
N LYS A 217 13.58 -16.06 1.96
CA LYS A 217 13.82 -16.99 0.86
C LYS A 217 12.95 -18.23 0.98
N SER A 218 12.86 -18.78 2.20
CA SER A 218 12.02 -19.96 2.41
C SER A 218 10.56 -19.68 2.07
N GLU A 219 10.00 -18.60 2.62
CA GLU A 219 8.59 -18.30 2.42
C GLU A 219 8.31 -17.92 0.97
N GLY A 220 9.20 -17.14 0.36
CA GLY A 220 9.01 -16.79 -1.04
C GLY A 220 8.98 -18.02 -1.94
N GLU A 221 9.89 -18.96 -1.69
CA GLU A 221 9.97 -20.11 -2.57
C GLU A 221 8.78 -21.04 -2.38
N LYS A 222 8.23 -21.10 -1.17
CA LYS A 222 6.95 -21.76 -0.96
C LYS A 222 5.88 -21.25 -1.92
N SER A 223 5.80 -19.93 -2.11
CA SER A 223 4.87 -19.37 -3.06
C SER A 223 5.29 -19.67 -4.50
N LEU A 224 6.56 -19.41 -4.82
CA LEU A 224 6.98 -19.48 -6.22
C LEU A 224 6.90 -20.89 -6.78
N ASN A 225 7.11 -21.91 -5.94
CA ASN A 225 7.14 -23.30 -6.37
C ASN A 225 5.86 -24.06 -6.07
N HIS A 226 4.85 -23.40 -5.54
CA HIS A 226 3.55 -24.03 -5.38
C HIS A 226 2.99 -24.40 -6.75
N SER A 227 2.33 -25.56 -6.83
CA SER A 227 1.89 -26.07 -8.13
C SER A 227 0.99 -25.07 -8.86
N LEU A 228 0.15 -24.36 -8.11
CA LEU A 228 -0.71 -23.36 -8.74
C LEU A 228 -0.08 -21.97 -8.84
N GLY A 229 1.09 -21.73 -8.22
CA GLY A 229 1.80 -20.50 -8.52
C GLY A 229 1.17 -19.25 -7.92
N VAL A 230 1.44 -18.12 -8.59
CA VAL A 230 1.00 -16.80 -8.14
C VAL A 230 0.13 -16.16 -9.23
N ILE A 231 -0.44 -15.00 -8.90
CA ILE A 231 -1.24 -14.29 -9.89
C ILE A 231 -0.37 -13.93 -11.09
N GLU A 232 -0.87 -14.25 -12.29
CA GLU A 232 -0.15 -13.98 -13.53
C GLU A 232 -1.01 -13.41 -14.64
N THR A 233 -2.30 -13.15 -14.39
CA THR A 233 -3.18 -12.54 -15.38
C THR A 233 -4.00 -11.47 -14.70
N ASN A 234 -4.44 -10.48 -15.48
CA ASN A 234 -5.15 -9.37 -14.85
C ASN A 234 -6.46 -9.78 -14.20
N PRO A 235 -7.28 -10.67 -14.79
CA PRO A 235 -8.50 -11.11 -14.07
C PRO A 235 -8.20 -11.83 -12.77
N ASP A 236 -6.99 -12.35 -12.58
CA ASP A 236 -6.68 -13.08 -11.35
C ASP A 236 -6.22 -12.16 -10.23
N GLY A 237 -6.05 -10.87 -10.47
CA GLY A 237 -5.72 -9.95 -9.40
C GLY A 237 -6.78 -9.96 -8.30
N PHE A 238 -6.41 -9.39 -7.17
CA PHE A 238 -7.31 -9.33 -6.02
C PHE A 238 -7.96 -7.96 -5.97
N PHE A 239 -9.24 -7.90 -6.35
CA PHE A 239 -10.06 -6.70 -6.27
C PHE A 239 -11.33 -7.00 -5.49
N VAL A 240 -11.85 -5.99 -4.80
CA VAL A 240 -13.19 -6.07 -4.22
C VAL A 240 -14.19 -5.53 -5.25
N ASN A 241 -15.05 -6.41 -5.77
CA ASN A 241 -16.08 -5.97 -6.71
C ASN A 241 -17.26 -5.51 -5.87
N GLY A 242 -17.15 -4.26 -5.40
CA GLY A 242 -18.16 -3.70 -4.53
C GLY A 242 -19.25 -2.98 -5.30
N THR A 243 -20.24 -2.50 -4.54
CA THR A 243 -21.35 -1.73 -5.08
C THR A 243 -21.33 -0.26 -4.68
N LEU A 244 -20.75 0.06 -3.53
CA LEU A 244 -20.63 1.44 -3.09
C LEU A 244 -19.65 2.21 -3.96
N ASP A 245 -19.81 3.52 -3.97
CA ASP A 245 -18.87 4.37 -4.67
C ASP A 245 -17.46 4.24 -4.08
N HIS A 246 -16.46 4.35 -4.94
CA HIS A 246 -15.09 4.43 -4.45
C HIS A 246 -14.99 5.58 -3.44
N PRO A 247 -14.42 5.36 -2.25
CA PRO A 247 -14.34 6.44 -1.25
C PRO A 247 -13.53 7.63 -1.70
N VAL A 248 -12.52 7.44 -2.57
CA VAL A 248 -11.71 8.55 -3.04
C VAL A 248 -12.47 9.39 -4.06
N ARG A 249 -13.57 8.87 -4.61
CA ARG A 249 -14.41 9.71 -5.45
C ARG A 249 -15.01 10.88 -4.66
N THR A 250 -15.39 10.66 -3.41
CA THR A 250 -15.88 11.78 -2.61
C THR A 250 -14.79 12.80 -2.35
N ILE A 251 -13.61 12.32 -1.95
CA ILE A 251 -12.49 13.19 -1.61
C ILE A 251 -12.01 13.95 -2.84
N ASN A 252 -11.90 13.24 -3.96
CA ASN A 252 -11.32 13.80 -5.17
C ASN A 252 -12.30 14.74 -5.86
N ASN A 253 -13.52 14.25 -6.12
CA ASN A 253 -14.45 14.99 -6.98
C ASN A 253 -15.40 15.88 -6.19
N SER A 254 -15.98 15.37 -5.09
CA SER A 254 -16.90 16.20 -4.34
C SER A 254 -16.18 17.23 -3.48
N TRP A 255 -15.15 16.83 -2.75
CA TRP A 255 -14.53 17.75 -1.79
C TRP A 255 -13.37 18.50 -2.37
N GLY A 256 -12.77 18.00 -3.45
CA GLY A 256 -11.56 18.61 -3.95
C GLY A 256 -10.44 18.60 -2.93
N ASP A 257 -10.37 17.56 -2.11
CA ASP A 257 -9.41 17.57 -1.01
C ASP A 257 -8.27 16.60 -1.22
N ILE A 258 -8.13 16.04 -2.42
CA ILE A 258 -6.96 15.26 -2.78
C ILE A 258 -6.70 15.46 -4.26
N ARG A 259 -5.42 15.54 -4.62
CA ARG A 259 -5.00 15.79 -5.99
C ARG A 259 -3.71 15.01 -6.27
N MET A 260 -3.26 15.11 -7.53
CA MET A 260 -2.00 14.50 -7.95
C MET A 260 -0.82 15.06 -7.17
N ASN A 261 0.11 14.18 -6.83
CA ASN A 261 1.32 14.49 -6.08
C ASN A 261 2.45 14.81 -7.05
N ALA A 262 3.30 15.76 -6.63
CA ALA A 262 4.44 16.17 -7.46
C ALA A 262 5.32 15.00 -7.88
N SER A 263 5.57 14.04 -6.98
CA SER A 263 6.37 12.87 -7.34
C SER A 263 5.73 12.09 -8.49
N MET A 264 4.40 11.99 -8.51
CA MET A 264 3.73 11.32 -9.62
C MET A 264 3.92 12.08 -10.92
N GLU A 265 3.84 13.42 -10.87
CA GLU A 265 4.07 14.20 -12.10
C GLU A 265 5.48 13.99 -12.62
N SER A 266 6.47 14.03 -11.72
CA SER A 266 7.86 13.88 -12.17
C SER A 266 8.07 12.55 -12.87
N ILE A 267 7.70 11.44 -12.22
CA ILE A 267 7.96 10.13 -12.80
C ILE A 267 7.09 9.90 -14.04
N LEU A 268 5.78 10.15 -13.93
CA LEU A 268 4.89 9.79 -15.03
C LEU A 268 5.15 10.65 -16.26
N VAL A 269 5.24 11.98 -16.09
CA VAL A 269 5.44 12.87 -17.23
C VAL A 269 6.83 12.67 -17.83
N GLY A 270 7.86 12.50 -16.98
CA GLY A 270 9.20 12.26 -17.50
C GLY A 270 9.27 11.02 -18.36
N TYR A 271 8.66 9.92 -17.90
CA TYR A 271 8.62 8.71 -18.70
C TYR A 271 7.61 8.79 -19.84
N GLU A 272 6.91 9.91 -19.99
CA GLU A 272 5.78 9.99 -20.92
C GLU A 272 4.93 8.74 -20.81
N ASP A 273 4.62 8.37 -19.56
CA ASP A 273 3.94 7.12 -19.28
C ASP A 273 2.47 7.25 -19.65
N PRO A 274 1.95 6.48 -20.60
CA PRO A 274 0.53 6.61 -20.98
C PRO A 274 -0.43 6.33 -19.83
N ARG A 275 0.03 5.75 -18.72
CA ARG A 275 -0.83 5.56 -17.55
C ARG A 275 -1.16 6.87 -16.85
N VAL A 276 -0.48 7.98 -17.16
CA VAL A 276 -0.83 9.24 -16.52
C VAL A 276 -2.25 9.67 -16.86
N ASP A 277 -2.76 9.29 -18.03
CA ASP A 277 -4.13 9.64 -18.40
C ASP A 277 -5.16 8.64 -17.90
N SER A 278 -4.71 7.49 -17.43
CA SER A 278 -5.59 6.56 -16.74
C SER A 278 -5.66 6.82 -15.25
N TYR A 279 -4.62 7.43 -14.68
CA TYR A 279 -4.53 7.77 -13.26
C TYR A 279 -5.04 9.18 -12.96
N PHE A 280 -4.85 10.12 -13.89
CA PHE A 280 -5.11 11.51 -13.58
C PHE A 280 -5.79 12.16 -14.77
N ASN A 281 -6.40 13.31 -14.50
CA ASN A 281 -6.88 14.22 -15.53
C ASN A 281 -5.89 15.36 -15.69
N ALA A 282 -5.74 15.83 -16.93
CA ALA A 282 -5.03 17.09 -17.18
C ALA A 282 -5.56 18.15 -16.23
N SER A 283 -4.66 19.01 -15.78
CA SER A 283 -5.01 20.01 -14.77
C SER A 283 -5.65 21.24 -15.41
N GLU A 284 -6.32 22.02 -14.57
CA GLU A 284 -6.74 23.35 -14.97
C GLU A 284 -5.65 24.39 -14.76
N VAL A 285 -4.74 24.17 -13.80
CA VAL A 285 -3.72 25.18 -13.54
C VAL A 285 -2.78 25.32 -14.74
N VAL A 286 -2.45 24.21 -15.41
CA VAL A 286 -1.65 24.24 -16.64
C VAL A 286 -2.41 23.39 -17.67
N GLU A 287 -3.07 24.06 -18.61
CA GLU A 287 -4.00 23.40 -19.53
C GLU A 287 -3.33 22.32 -20.35
N GLY A 288 -3.99 21.17 -20.47
CA GLY A 288 -3.44 20.06 -21.24
C GLY A 288 -2.20 19.42 -20.67
N GLU A 289 -1.85 19.70 -19.42
CA GLU A 289 -0.68 19.12 -18.79
C GLU A 289 -1.07 18.55 -17.43
N PHE A 290 -0.37 17.50 -17.01
CA PHE A 290 -0.63 16.86 -15.72
C PHE A 290 0.24 17.53 -14.66
N LYS A 291 -0.40 18.04 -13.61
CA LYS A 291 0.31 18.83 -12.61
C LYS A 291 0.06 18.25 -11.23
N GLY A 292 1.14 17.98 -10.51
CA GLY A 292 1.05 17.46 -9.18
C GLY A 292 1.42 18.51 -8.16
N ILE A 293 0.99 18.30 -6.92
CA ILE A 293 1.32 19.18 -5.81
C ILE A 293 2.36 18.51 -4.93
N ARG A 294 3.30 19.30 -4.49
CA ARG A 294 4.28 18.88 -3.51
C ARG A 294 3.60 18.56 -2.17
N ASN A 295 3.79 17.34 -1.67
CA ASN A 295 3.20 17.00 -0.38
C ASN A 295 4.04 17.55 0.78
N GLY A 296 3.40 17.73 1.92
CA GLY A 296 4.04 18.40 3.04
C GLY A 296 4.21 19.89 2.87
N LEU A 297 3.27 20.58 2.20
CA LEU A 297 3.37 22.03 2.24
C LEU A 297 2.78 22.56 3.54
N PRO A 298 3.37 23.64 4.09
CA PRO A 298 2.77 24.33 5.24
C PRO A 298 1.68 25.27 4.76
N LEU A 299 1.10 26.01 5.72
CA LEU A 299 0.41 27.24 5.35
C LEU A 299 1.46 28.22 4.83
N LEU A 300 1.62 28.29 3.51
CA LEU A 300 2.56 29.24 2.93
C LEU A 300 2.18 30.67 3.31
N SER A 301 3.20 31.51 3.50
CA SER A 301 2.97 32.86 3.98
C SER A 301 2.21 33.73 2.99
N GLU A 302 2.22 33.37 1.71
CA GLU A 302 1.44 34.11 0.73
C GLU A 302 -0.06 34.00 0.97
N TYR A 303 -0.51 33.02 1.76
CA TYR A 303 -1.94 32.82 1.99
C TYR A 303 -2.26 33.15 3.45
N ASP A 304 -3.40 33.81 3.64
CA ASP A 304 -3.78 34.18 4.99
C ASP A 304 -4.46 33.05 5.75
N ASP A 305 -5.07 32.10 5.05
CA ASP A 305 -5.55 30.90 5.72
C ASP A 305 -5.51 29.73 4.73
N GLU A 306 -5.87 28.54 5.22
CA GLU A 306 -5.72 27.33 4.43
C GLU A 306 -6.75 27.29 3.30
N LEU A 307 -7.89 27.96 3.47
CA LEU A 307 -8.87 28.02 2.39
C LEU A 307 -8.32 28.78 1.19
N ALA A 308 -7.62 29.90 1.43
CA ALA A 308 -7.04 30.64 0.31
C ALA A 308 -5.98 29.82 -0.40
N GLN A 309 -5.22 29.01 0.35
CA GLN A 309 -4.22 28.16 -0.28
C GLN A 309 -4.89 27.04 -1.08
N LYS A 310 -5.94 26.44 -0.53
CA LYS A 310 -6.66 25.40 -1.27
C LYS A 310 -7.17 25.96 -2.59
N ALA A 311 -7.59 27.23 -2.59
CA ALA A 311 -8.19 27.83 -3.77
C ALA A 311 -7.22 27.83 -4.94
N ASP A 312 -5.93 28.00 -4.67
CA ASP A 312 -4.92 28.00 -5.73
C ASP A 312 -4.40 26.61 -6.08
N TYR A 313 -4.70 25.58 -5.29
CA TYR A 313 -4.15 24.26 -5.50
C TYR A 313 -5.18 23.21 -5.87
N ILE A 314 -6.46 23.45 -5.61
CA ILE A 314 -7.55 22.59 -6.06
C ILE A 314 -7.55 22.43 -7.58
N THR A 315 -6.81 23.28 -8.26
CA THR A 315 -6.77 23.41 -9.70
C THR A 315 -5.69 22.51 -10.35
N PHE A 316 -4.90 21.81 -9.54
CA PHE A 316 -3.98 20.80 -10.06
C PHE A 316 -4.77 19.54 -10.46
N SER A 317 -4.04 18.52 -10.93
CA SER A 317 -4.67 17.37 -11.59
C SER A 317 -5.55 16.58 -10.64
N LEU A 318 -6.79 16.33 -11.05
CA LEU A 318 -7.65 15.37 -10.36
C LEU A 318 -7.20 13.94 -10.64
N LEU A 319 -7.53 13.03 -9.72
CA LEU A 319 -7.48 11.61 -10.02
C LEU A 319 -8.52 11.27 -11.08
N SER A 320 -8.21 10.28 -11.91
CA SER A 320 -9.12 9.91 -12.98
C SER A 320 -10.26 9.00 -12.54
N ASP A 321 -11.41 9.14 -13.21
CA ASP A 321 -12.55 8.25 -13.00
C ASP A 321 -12.16 6.77 -13.15
N GLU A 322 -11.24 6.47 -14.07
CA GLU A 322 -10.91 5.08 -14.34
C GLU A 322 -10.47 4.33 -13.10
N VAL A 323 -9.73 4.99 -12.20
CA VAL A 323 -9.24 4.34 -11.00
C VAL A 323 -10.17 4.56 -9.80
N LEU A 324 -11.36 5.12 -10.04
CA LEU A 324 -12.28 5.45 -8.95
C LEU A 324 -13.64 4.79 -9.16
N THR A 325 -13.64 3.57 -9.68
CA THR A 325 -14.85 2.76 -9.85
C THR A 325 -15.19 2.07 -8.53
N PRO A 326 -16.40 1.49 -8.42
CA PRO A 326 -16.71 0.68 -7.23
C PRO A 326 -15.80 -0.54 -7.06
N ARG A 327 -14.97 -0.86 -8.03
CA ARG A 327 -14.02 -1.97 -7.92
C ARG A 327 -12.77 -1.45 -7.22
N VAL A 328 -12.51 -1.93 -6.00
CA VAL A 328 -11.38 -1.48 -5.18
C VAL A 328 -10.18 -2.40 -5.39
N GLN A 329 -9.04 -1.81 -5.68
CA GLN A 329 -7.82 -2.54 -6.01
C GLN A 329 -7.02 -2.86 -4.75
N LEU A 330 -6.76 -4.13 -4.52
CA LEU A 330 -5.88 -4.51 -3.42
C LEU A 330 -4.59 -5.17 -3.87
N MET A 331 -4.58 -5.93 -4.95
CA MET A 331 -3.30 -6.47 -5.46
C MET A 331 -3.41 -6.75 -6.95
N THR A 332 -2.60 -6.07 -7.75
CA THR A 332 -2.63 -6.24 -9.20
C THR A 332 -1.74 -7.41 -9.61
N ALA A 333 -2.02 -7.95 -10.79
CA ALA A 333 -1.14 -8.96 -11.34
C ALA A 333 0.22 -8.34 -11.68
N ALA A 334 0.24 -7.08 -12.09
CA ALA A 334 1.51 -6.42 -12.39
C ALA A 334 2.44 -6.48 -11.19
N GLU A 335 1.93 -6.10 -10.02
CA GLU A 335 2.69 -6.15 -8.78
C GLU A 335 3.37 -7.49 -8.59
N VAL A 336 2.64 -8.58 -8.81
CA VAL A 336 3.21 -9.90 -8.56
C VAL A 336 4.43 -10.12 -9.46
N PHE A 337 4.36 -9.67 -10.71
CA PHE A 337 5.53 -9.81 -11.58
C PHE A 337 6.74 -9.06 -11.02
N PHE A 338 6.52 -7.86 -10.45
CA PHE A 338 7.63 -7.12 -9.87
C PHE A 338 8.15 -7.79 -8.61
N LEU A 339 7.29 -8.46 -7.84
CA LEU A 339 7.76 -9.23 -6.70
C LEU A 339 8.61 -10.42 -7.16
N LYS A 340 8.18 -11.09 -8.23
CA LYS A 340 8.99 -12.15 -8.81
C LYS A 340 10.32 -11.60 -9.28
N ALA A 341 10.31 -10.41 -9.89
CA ALA A 341 11.54 -9.79 -10.38
C ALA A 341 12.53 -9.61 -9.23
N GLU A 342 12.09 -9.00 -8.11
CA GLU A 342 12.98 -8.85 -6.97
C GLU A 342 13.41 -10.20 -6.40
N ALA A 343 12.49 -11.16 -6.35
CA ALA A 343 12.84 -12.51 -5.92
C ALA A 343 13.94 -13.10 -6.80
N ALA A 344 13.85 -12.88 -8.12
CA ALA A 344 14.88 -13.39 -9.02
C ALA A 344 16.20 -12.69 -8.76
N LEU A 345 16.16 -11.36 -8.66
CA LEU A 345 17.35 -10.60 -8.29
C LEU A 345 17.98 -11.15 -7.03
N ARG A 346 17.16 -11.59 -6.07
CA ARG A 346 17.69 -12.08 -4.80
C ARG A 346 17.99 -13.58 -4.80
N GLY A 347 17.87 -14.25 -5.95
CA GLY A 347 18.28 -15.63 -6.07
C GLY A 347 17.30 -16.68 -5.57
N TRP A 348 16.04 -16.31 -5.33
CA TRP A 348 15.05 -17.29 -4.90
C TRP A 348 14.65 -18.17 -6.09
N SER A 349 14.56 -19.47 -5.86
CA SER A 349 14.38 -20.45 -6.93
C SER A 349 12.92 -20.57 -7.34
N GLY A 350 12.71 -20.71 -8.64
CA GLY A 350 11.38 -20.66 -9.22
C GLY A 350 10.92 -19.28 -9.60
N ALA A 351 11.71 -18.24 -9.30
CA ALA A 351 11.27 -16.88 -9.56
C ALA A 351 11.39 -16.46 -11.02
N GLY A 352 12.11 -17.22 -11.84
CA GLY A 352 12.24 -16.89 -13.24
C GLY A 352 13.37 -15.93 -13.52
N ASP A 353 13.28 -15.26 -14.67
CA ASP A 353 14.30 -14.33 -15.13
C ASP A 353 13.94 -12.90 -14.77
N THR A 354 14.85 -12.21 -14.07
CA THR A 354 14.56 -10.86 -13.58
C THR A 354 13.99 -9.96 -14.67
N ARG A 355 14.70 -9.85 -15.79
CA ARG A 355 14.29 -8.91 -16.83
C ARG A 355 12.92 -9.27 -17.40
N THR A 356 12.65 -10.55 -17.60
CA THR A 356 11.36 -10.95 -18.16
C THR A 356 10.23 -10.58 -17.21
N ASN A 357 10.40 -10.88 -15.91
CA ASN A 357 9.43 -10.48 -14.90
C ASN A 357 9.23 -8.97 -14.88
N TYR A 358 10.34 -8.21 -14.92
CA TYR A 358 10.25 -6.75 -14.94
C TYR A 358 9.39 -6.28 -16.10
N GLU A 359 9.74 -6.73 -17.32
CA GLU A 359 9.02 -6.29 -18.51
C GLU A 359 7.60 -6.84 -18.53
N GLN A 360 7.38 -8.03 -17.98
CA GLN A 360 6.02 -8.55 -17.90
C GLN A 360 5.18 -7.76 -16.91
N GLY A 361 5.80 -7.26 -15.84
CA GLY A 361 5.11 -6.38 -14.92
C GLY A 361 4.64 -5.09 -15.57
N ILE A 362 5.51 -4.43 -16.34
CA ILE A 362 5.07 -3.23 -17.06
C ILE A 362 3.96 -3.56 -18.05
N THR A 363 4.15 -4.64 -18.83
CA THR A 363 3.18 -5.07 -19.84
C THR A 363 1.83 -5.37 -19.20
N THR A 364 1.84 -6.16 -18.13
CA THR A 364 0.59 -6.49 -17.45
C THR A 364 -0.12 -5.22 -16.95
N SER A 365 0.65 -4.23 -16.49
CA SER A 365 0.04 -3.00 -16.01
C SER A 365 -0.56 -2.20 -17.16
N PHE A 366 0.10 -2.16 -18.32
CA PHE A 366 -0.50 -1.52 -19.49
C PHE A 366 -1.82 -2.20 -19.85
N GLN A 367 -1.83 -3.53 -19.85
CA GLN A 367 -3.01 -4.28 -20.28
C GLN A 367 -4.17 -4.08 -19.31
N GLN A 368 -3.87 -3.85 -18.03
CA GLN A 368 -4.93 -3.58 -17.07
C GLN A 368 -5.75 -2.37 -17.48
N TYR A 369 -5.16 -1.46 -18.25
CA TYR A 369 -5.82 -0.23 -18.69
C TYR A 369 -6.01 -0.18 -20.21
N GLY A 370 -5.82 -1.30 -20.91
CA GLY A 370 -5.98 -1.30 -22.36
C GLY A 370 -5.08 -0.31 -23.07
N LEU A 371 -3.87 -0.08 -22.56
CA LEU A 371 -2.97 0.89 -23.17
C LEU A 371 -2.04 0.20 -24.16
N SER A 372 -1.71 0.93 -25.23
CA SER A 372 -0.76 0.45 -26.23
C SER A 372 0.57 1.20 -26.06
N GLY A 373 1.52 0.87 -26.94
CA GLY A 373 2.84 1.45 -26.87
C GLY A 373 3.80 0.73 -25.96
N ILE A 374 3.48 -0.49 -25.53
CA ILE A 374 4.27 -1.16 -24.51
C ILE A 374 5.70 -1.39 -25.00
N SER A 375 5.86 -1.72 -26.27
CA SER A 375 7.18 -2.10 -26.77
C SER A 375 8.12 -0.90 -26.79
N GLU A 376 7.62 0.26 -27.21
CA GLU A 376 8.44 1.47 -27.21
C GLU A 376 8.80 1.89 -25.78
N TYR A 377 7.83 1.85 -24.87
CA TYR A 377 8.09 2.18 -23.48
C TYR A 377 9.17 1.29 -22.88
N ILE A 378 9.07 -0.02 -23.10
CA ILE A 378 9.97 -0.97 -22.44
C ILE A 378 11.38 -0.91 -23.02
N ALA A 379 11.54 -0.46 -24.26
CA ALA A 379 12.86 -0.31 -24.84
C ALA A 379 13.45 1.09 -24.68
N ASN A 380 12.67 2.05 -24.18
CA ASN A 380 13.19 3.40 -24.04
C ASN A 380 14.23 3.47 -22.93
N ASN A 381 15.38 4.06 -23.24
CA ASN A 381 16.42 4.26 -22.23
C ASN A 381 16.90 5.70 -22.21
N THR A 382 16.15 6.64 -22.77
CA THR A 382 16.51 8.04 -22.72
C THR A 382 15.69 8.84 -21.70
N ARG A 383 14.42 8.51 -21.52
CA ARG A 383 13.55 9.27 -20.63
C ARG A 383 13.89 9.04 -19.16
N THR A 384 13.83 10.11 -18.39
CA THR A 384 14.07 10.10 -16.97
C THR A 384 13.02 11.00 -16.31
N PRO A 385 12.72 10.78 -15.02
CA PRO A 385 11.74 11.65 -14.36
C PRO A 385 12.16 13.10 -14.47
N ILE A 386 11.18 13.99 -14.68
CA ILE A 386 11.47 15.39 -14.94
C ILE A 386 11.60 16.16 -13.63
N ASP A 387 12.21 17.34 -13.74
CA ASP A 387 12.21 18.29 -12.64
C ASP A 387 10.79 18.74 -12.34
N TYR A 388 10.48 18.92 -11.06
CA TYR A 388 9.15 19.35 -10.68
C TYR A 388 9.09 20.87 -10.49
N VAL A 389 7.93 21.41 -10.87
CA VAL A 389 7.74 22.84 -11.06
C VAL A 389 6.35 23.20 -10.56
N ASP A 390 6.27 24.12 -9.61
CA ASP A 390 5.00 24.59 -9.07
C ASP A 390 4.70 25.95 -9.69
N PRO A 391 3.75 26.06 -10.62
CA PRO A 391 3.47 27.38 -11.24
C PRO A 391 2.90 28.38 -10.27
N VAL A 392 2.34 27.96 -9.14
CA VAL A 392 1.77 28.91 -8.19
C VAL A 392 2.85 29.43 -7.25
N THR A 393 3.65 28.54 -6.69
CA THR A 393 4.66 28.89 -5.70
C THR A 393 6.00 28.33 -6.19
N PRO A 394 6.77 29.14 -6.94
CA PRO A 394 8.02 28.62 -7.52
C PRO A 394 9.05 28.20 -6.48
N ALA A 395 8.92 28.65 -5.23
CA ALA A 395 9.82 28.19 -4.16
C ALA A 395 9.65 26.71 -3.82
N ASN A 396 8.59 26.07 -4.31
CA ASN A 396 8.38 24.64 -4.13
C ASN A 396 9.06 23.79 -5.20
N ASN A 397 9.77 24.40 -6.15
CA ASN A 397 10.40 23.66 -7.25
C ASN A 397 11.51 22.75 -6.74
N ILE A 398 11.69 21.62 -7.42
CA ILE A 398 12.74 20.71 -7.00
C ILE A 398 13.16 19.87 -8.20
N ASN A 399 14.47 19.70 -8.33
CA ASN A 399 15.03 18.84 -9.36
C ASN A 399 14.65 17.39 -9.10
N ALA A 400 14.47 16.62 -10.17
CA ALA A 400 14.09 15.22 -10.03
C ALA A 400 15.12 14.50 -9.18
N LEU A 401 14.64 13.79 -8.13
CA LEU A 401 15.56 12.98 -7.33
C LEU A 401 15.82 11.64 -7.99
N SER A 402 14.87 11.16 -8.78
CA SER A 402 15.00 9.90 -9.48
C SER A 402 15.60 10.16 -10.86
N THR A 403 16.62 9.39 -11.20
CA THR A 403 17.25 9.49 -12.51
C THR A 403 17.26 8.18 -13.28
N ILE A 404 16.57 7.14 -12.78
CA ILE A 404 16.65 5.84 -13.45
C ILE A 404 15.79 5.84 -14.71
N THR A 405 16.28 5.15 -15.73
CA THR A 405 15.58 4.99 -16.99
C THR A 405 14.71 3.73 -16.95
N ILE A 406 13.92 3.54 -18.00
CA ILE A 406 12.97 2.45 -18.03
C ILE A 406 13.63 1.13 -18.40
N GLU A 407 14.35 1.11 -19.52
CA GLU A 407 14.84 -0.16 -20.09
C GLU A 407 15.74 -0.89 -19.11
N TRP A 408 15.49 -2.19 -18.97
CA TRP A 408 16.29 -3.01 -18.09
C TRP A 408 17.77 -2.93 -18.47
N ASP A 409 18.60 -2.64 -17.47
CA ASP A 409 20.06 -2.66 -17.64
C ASP A 409 20.59 -3.82 -16.79
N GLU A 410 20.98 -4.91 -17.47
CA GLU A 410 21.49 -6.08 -16.75
C GLU A 410 22.84 -5.78 -16.09
N ALA A 411 23.56 -4.77 -16.56
CA ALA A 411 24.85 -4.42 -15.98
C ALA A 411 24.76 -3.38 -14.87
N ALA A 412 23.54 -2.95 -14.52
CA ALA A 412 23.40 -1.97 -13.46
C ALA A 412 23.70 -2.60 -12.09
N SER A 413 23.96 -1.74 -11.11
CA SER A 413 24.25 -2.28 -9.78
C SER A 413 22.98 -2.90 -9.20
N ASN A 414 23.15 -3.72 -8.15
CA ASN A 414 21.97 -4.32 -7.53
C ASN A 414 21.03 -3.25 -7.00
N GLU A 415 21.56 -2.15 -6.48
CA GLU A 415 20.71 -1.07 -5.99
C GLU A 415 19.92 -0.43 -7.12
N GLU A 416 20.59 -0.08 -8.22
CA GLU A 416 19.85 0.46 -9.36
C GLU A 416 18.83 -0.54 -9.90
N LYS A 417 19.19 -1.83 -9.90
CA LYS A 417 18.25 -2.84 -10.39
C LYS A 417 16.99 -2.87 -9.56
N LEU A 418 17.15 -3.02 -8.23
CA LEU A 418 16.02 -2.92 -7.32
C LEU A 418 15.26 -1.60 -7.51
N GLU A 419 16.00 -0.50 -7.75
CA GLU A 419 15.32 0.78 -7.97
C GLU A 419 14.45 0.74 -9.22
N ARG A 420 14.95 0.16 -10.31
CA ARG A 420 14.11 0.02 -11.50
C ARG A 420 12.89 -0.83 -11.19
N ILE A 421 13.09 -1.98 -10.54
CA ILE A 421 11.98 -2.86 -10.16
C ILE A 421 10.96 -2.11 -9.31
N ILE A 422 11.44 -1.47 -8.24
CA ILE A 422 10.53 -0.87 -7.27
C ILE A 422 9.87 0.36 -7.86
N THR A 423 10.57 1.09 -8.72
CA THR A 423 9.97 2.29 -9.29
C THR A 423 8.80 1.94 -10.20
N GLN A 424 8.96 0.89 -11.02
CA GLN A 424 7.88 0.49 -11.89
C GLN A 424 6.74 -0.18 -11.12
N LYS A 425 7.06 -0.94 -10.07
CA LYS A 425 5.99 -1.46 -9.23
C LYS A 425 5.16 -0.31 -8.65
N TRP A 426 5.85 0.74 -8.17
CA TRP A 426 5.17 1.88 -7.57
C TRP A 426 4.15 2.50 -8.50
N ILE A 427 4.50 2.62 -9.79
CA ILE A 427 3.52 3.11 -10.77
C ILE A 427 2.35 2.14 -10.87
N ALA A 428 2.63 0.83 -10.90
CA ALA A 428 1.62 -0.20 -11.09
C ALA A 428 0.75 -0.43 -9.85
N LEU A 429 1.25 -0.10 -8.65
CA LEU A 429 0.43 -0.21 -7.43
C LEU A 429 -0.62 0.89 -7.31
N PHE A 430 -0.48 1.99 -8.04
CA PHE A 430 -1.39 3.12 -7.87
C PHE A 430 -2.83 2.67 -8.13
N PRO A 431 -3.81 3.14 -7.33
CA PRO A 431 -3.72 4.16 -6.27
C PRO A 431 -3.59 3.64 -4.85
N GLU A 432 -3.10 2.40 -4.65
CA GLU A 432 -3.12 1.81 -3.31
C GLU A 432 -1.88 2.25 -2.55
N GLY A 433 -2.01 3.34 -1.79
CA GLY A 433 -0.86 3.99 -1.19
C GLY A 433 -0.18 3.18 -0.10
N GLN A 434 -0.92 2.31 0.60
CA GLN A 434 -0.33 1.62 1.74
C GLN A 434 0.80 0.69 1.30
N GLU A 435 0.56 -0.15 0.29
CA GLU A 435 1.63 -1.01 -0.20
C GLU A 435 2.79 -0.20 -0.75
N ALA A 436 2.48 0.90 -1.46
CA ALA A 436 3.51 1.75 -2.04
C ALA A 436 4.35 2.43 -0.96
N TRP A 437 3.71 2.81 0.15
CA TRP A 437 4.41 3.49 1.23
C TRP A 437 5.29 2.53 2.03
N SER A 438 4.81 1.30 2.27
CA SER A 438 5.64 0.27 2.87
C SER A 438 6.90 0.03 2.04
N GLU A 439 6.72 -0.16 0.73
CA GLU A 439 7.86 -0.45 -0.13
C GLU A 439 8.81 0.74 -0.24
N TYR A 440 8.29 1.97 -0.15
CA TYR A 440 9.19 3.12 -0.13
C TYR A 440 10.05 3.11 1.14
N ARG A 441 9.41 2.91 2.30
CA ARG A 441 10.16 2.86 3.54
C ARG A 441 11.16 1.70 3.53
N ARG A 442 10.80 0.57 2.91
CA ARG A 442 11.68 -0.59 2.94
C ARG A 442 12.91 -0.38 2.05
N THR A 443 12.72 0.23 0.88
CA THR A 443 13.78 0.25 -0.11
C THR A 443 14.31 1.63 -0.44
N GLY A 444 13.63 2.71 -0.01
CA GLY A 444 13.99 4.04 -0.45
C GLY A 444 13.59 4.37 -1.88
N TYR A 445 12.89 3.46 -2.57
CA TYR A 445 12.54 3.66 -3.95
C TYR A 445 11.03 3.65 -4.14
N PRO A 446 10.52 4.39 -5.14
CA PRO A 446 11.21 5.39 -5.97
C PRO A 446 11.57 6.62 -5.15
N LYS A 447 12.48 7.48 -5.62
CA LYS A 447 12.99 8.58 -4.81
C LYS A 447 12.00 9.75 -4.82
N ILE A 448 10.96 9.62 -4.04
CA ILE A 448 9.91 10.63 -4.00
C ILE A 448 10.42 11.87 -3.27
N PHE A 449 9.80 12.99 -3.60
CA PHE A 449 10.24 14.25 -3.02
C PHE A 449 10.00 14.23 -1.51
N PRO A 450 10.90 14.82 -0.73
CA PRO A 450 10.63 15.01 0.71
C PRO A 450 9.61 16.12 0.91
N VAL A 451 9.17 16.25 2.17
CA VAL A 451 8.21 17.29 2.53
C VAL A 451 8.87 18.66 2.47
N ILE A 452 8.06 19.67 2.15
CA ILE A 452 8.53 21.05 2.14
C ILE A 452 8.70 21.58 3.57
N SER A 453 7.74 21.27 4.43
CA SER A 453 7.73 21.72 5.81
C SER A 453 7.64 20.50 6.71
N ASN A 454 8.62 20.36 7.60
CA ASN A 454 8.75 19.25 8.52
C ASN A 454 8.52 19.85 9.90
N GLN A 455 7.28 19.75 10.39
CA GLN A 455 6.92 20.39 11.65
C GLN A 455 7.02 19.42 12.83
N SER A 456 7.87 18.42 12.75
CA SER A 456 7.99 17.38 13.76
C SER A 456 8.96 17.73 14.89
N GLY A 457 9.60 18.89 14.82
CA GLY A 457 10.61 19.22 15.83
C GLY A 457 11.84 18.34 15.81
N GLY A 458 12.06 17.61 14.72
CA GLY A 458 13.18 16.72 14.61
C GLY A 458 12.88 15.26 14.89
N VAL A 459 11.65 14.92 15.30
CA VAL A 459 11.32 13.53 15.56
C VAL A 459 11.38 12.72 14.26
N VAL A 460 10.99 13.32 13.15
CA VAL A 460 11.07 12.70 11.85
C VAL A 460 12.12 13.42 11.03
N ASP A 461 12.81 12.69 10.17
CA ASP A 461 13.82 13.28 9.29
C ASP A 461 13.22 13.57 7.92
N THR A 462 13.53 14.75 7.38
CA THR A 462 12.97 15.19 6.11
C THR A 462 13.39 14.27 4.98
N ASP A 463 14.70 13.98 4.87
CA ASP A 463 15.20 13.21 3.74
C ASP A 463 14.87 11.73 3.89
N LEU A 464 15.10 11.17 5.08
CA LEU A 464 14.73 9.76 5.31
C LEU A 464 13.23 9.55 5.15
N GLN A 465 12.42 10.49 5.65
CA GLN A 465 10.95 10.53 5.58
C GLN A 465 10.32 9.67 6.68
N ILE A 466 9.01 9.88 6.92
CA ILE A 466 8.34 9.26 8.05
C ILE A 466 8.47 7.74 8.00
N ARG A 467 8.58 7.12 9.18
CA ARG A 467 8.85 5.69 9.31
C ARG A 467 7.66 4.88 9.77
N ARG A 468 6.81 5.45 10.60
CA ARG A 468 5.71 4.70 11.22
C ARG A 468 4.75 5.69 11.84
N ILE A 469 3.70 5.16 12.45
CA ILE A 469 2.71 5.93 13.20
C ILE A 469 2.76 5.37 14.62
N PRO A 470 2.67 6.20 15.66
CA PRO A 470 2.75 5.67 17.02
C PRO A 470 1.44 5.03 17.43
N PHE A 471 1.50 4.24 18.50
CA PHE A 471 0.33 3.52 18.97
C PHE A 471 -0.80 4.49 19.28
N VAL A 472 -2.03 4.07 18.93
CA VAL A 472 -3.14 5.00 18.78
C VAL A 472 -3.71 5.41 20.14
N ASP A 473 -4.42 6.54 20.13
CA ASP A 473 -4.98 7.11 21.36
C ASP A 473 -5.86 6.11 22.08
N SER A 474 -6.76 5.47 21.36
CA SER A 474 -7.76 4.61 21.99
C SER A 474 -7.11 3.48 22.76
N GLU A 475 -5.91 3.06 22.32
CA GLU A 475 -5.12 2.07 23.04
C GLU A 475 -4.42 2.69 24.25
N LEU A 476 -3.86 3.89 24.09
CA LEU A 476 -3.33 4.62 25.25
C LEU A 476 -4.39 4.77 26.34
N GLN A 477 -5.66 4.99 25.95
CA GLN A 477 -6.74 5.15 26.92
C GLN A 477 -7.20 3.81 27.52
N THR A 478 -7.56 2.86 26.68
CA THR A 478 -8.24 1.65 27.15
C THR A 478 -7.32 0.44 27.28
N ASN A 479 -6.07 0.53 26.83
CA ASN A 479 -5.15 -0.60 26.92
C ASN A 479 -3.76 -0.11 27.29
N PRO A 480 -3.59 0.61 28.40
CA PRO A 480 -2.27 1.20 28.68
C PRO A 480 -1.20 0.16 28.93
N ASP A 481 -1.54 -0.96 29.58
CA ASP A 481 -0.52 -1.95 29.91
C ASP A 481 -0.04 -2.68 28.66
N GLY A 482 -0.96 -3.06 27.76
CA GLY A 482 -0.55 -3.68 26.51
C GLY A 482 0.27 -2.76 25.62
N VAL A 483 -0.09 -1.46 25.58
CA VAL A 483 0.70 -0.48 24.83
C VAL A 483 2.08 -0.32 25.45
N ALA A 484 2.15 -0.20 26.78
CA ALA A 484 3.44 -0.13 27.46
C ALA A 484 4.31 -1.34 27.13
N ASP A 485 3.70 -2.52 27.05
CA ASP A 485 4.48 -3.69 26.70
C ASP A 485 4.80 -3.74 25.20
N ALA A 486 3.90 -3.20 24.36
CA ALA A 486 4.18 -3.15 22.93
C ALA A 486 5.37 -2.24 22.63
N ILE A 487 5.51 -1.15 23.38
CA ILE A 487 6.61 -0.21 23.19
C ILE A 487 7.96 -0.91 23.42
N THR A 488 8.02 -1.85 24.36
CA THR A 488 9.25 -2.61 24.56
C THR A 488 9.61 -3.50 23.36
N LYS A 489 8.69 -3.69 22.42
CA LYS A 489 8.99 -4.52 21.27
C LYS A 489 9.41 -3.72 20.04
N LEU A 490 9.39 -2.39 20.11
CA LEU A 490 9.88 -1.53 19.04
C LEU A 490 11.40 -1.42 19.09
N GLY A 491 11.99 -1.10 17.95
CA GLY A 491 13.42 -0.86 17.91
C GLY A 491 13.79 0.59 18.19
N GLY A 492 12.92 1.32 18.89
CA GLY A 492 13.18 2.70 19.21
C GLY A 492 12.05 3.28 20.03
N PRO A 493 12.01 4.60 20.17
CA PRO A 493 10.91 5.25 20.91
C PRO A 493 9.61 5.16 20.14
N ASP A 494 8.50 5.20 20.88
CA ASP A 494 7.19 5.09 20.25
C ASP A 494 6.82 6.41 19.58
N ASN A 495 7.44 6.66 18.43
CA ASN A 495 7.05 7.82 17.63
C ASN A 495 7.25 7.54 16.16
N ALA A 496 7.01 8.58 15.35
CA ALA A 496 6.93 8.45 13.91
C ALA A 496 8.28 8.25 13.26
N GLY A 497 9.38 8.54 13.96
CA GLY A 497 10.69 8.37 13.37
C GLY A 497 11.34 7.03 13.56
N THR A 498 10.68 6.08 14.21
CA THR A 498 11.29 4.80 14.55
C THR A 498 11.06 3.78 13.44
N ARG A 499 12.15 3.13 13.01
CA ARG A 499 12.04 2.14 11.94
C ARG A 499 11.33 0.90 12.43
N LEU A 500 10.36 0.42 11.64
CA LEU A 500 9.76 -0.86 11.93
C LEU A 500 10.80 -1.96 11.79
N TRP A 501 10.46 -3.13 12.34
CA TRP A 501 11.40 -4.24 12.38
C TRP A 501 11.91 -4.61 10.99
N TRP A 502 11.05 -4.60 9.97
CA TRP A 502 11.54 -4.98 8.65
C TRP A 502 12.27 -3.85 7.92
N ASP A 503 12.31 -2.65 8.51
CA ASP A 503 12.97 -1.49 7.91
C ASP A 503 14.37 -1.39 8.53
N VAL A 504 15.35 -1.92 7.82
CA VAL A 504 16.73 -2.02 8.30
C VAL A 504 17.58 -0.98 7.58
N PRO A 505 18.30 -0.13 8.29
CA PRO A 505 19.12 0.89 7.61
C PRO A 505 20.31 0.26 6.91
N GLY A 506 20.83 0.98 5.94
CA GLY A 506 21.88 0.46 5.08
C GLY A 506 21.34 0.07 3.72
N GLY A 507 22.18 -0.64 2.99
CA GLY A 507 21.78 -1.11 1.68
C GLY A 507 20.62 -2.10 1.73
N ASN A 508 20.08 -2.35 0.54
CA ASN A 508 18.97 -3.29 0.39
C ASN A 508 19.44 -4.72 0.20
N PHE A 509 20.74 -4.98 0.22
CA PHE A 509 21.26 -6.33 0.04
C PHE A 509 22.26 -6.70 1.12
#